data_5K9T
#
_entry.id   5K9T
#
_cell.length_a   67.065
_cell.length_b   64.450
_cell.length_c   87.967
_cell.angle_alpha   90.000
_cell.angle_beta   105.850
_cell.angle_gamma   90.000
#
_symmetry.space_group_name_H-M   'P 1 21 1'
#
loop_
_entity.id
_entity.type
_entity.pdbx_description
1 polymer 'Protein translocase subunit SecA'
2 non-polymer "ADENOSINE-5'-DIPHOSPHATE"
3 non-polymer 'MAGNESIUM ION'
4 water water
#
_entity_poly.entity_id   1
_entity_poly.type   'polypeptide(L)'
_entity_poly.pdbx_seq_one_letter_code
;GADRTLRRMRKVVNIINAMEPEMEKLSDEELKGKTAEFRARLAAGAVLENLIPEAFAVVREASKRVFGMRHFDVQLLGGM
VLNERCIAEMRTGEGKTLTATLPAYLNALTGKGVHVVTVNDYLAQRDAENNRPLFEFLGLTVGINLPGMPAPAKREAYAA
DITYGTNNEYGFDYLRDNMAFSPAARVQRKLHYALVDEVDSILIDEARTPLIISGPAEDSSEMYKRVNKIIPHLIRQEKE
DSETFQGEGHFSVDEKSRQVNLTERGLVLIEELLVKEGIMDEGESLYSPANIMLMHHVTAALRAHALFTRDVDYIVKDGE
VIIVDEHTGRTMQGRRWSDGLHQAVEAKEGVQIQNENQTLASITFQNYFRLYEKLAGMTGTADTEAFEFSSIYKLDTVVV
PTNRPMIRKDLPDLVYMTEAEKIQAIIEDIKERTAKGQPVLVGTISIEKSELVSNELTKAGIKHNVLNAKFHANEAAIVA
QAGYPAAVTIATNMAGRGTDIVLGGSWQAEVAALENPTAEQIEKIKADWQVRHDAVLEAGGLHIIGTERHESRRIDNQLR
GRSGRQGDAGSSRFYLSM
;
_entity_poly.pdbx_strand_id   A
#
loop_
_chem_comp.id
_chem_comp.type
_chem_comp.name
_chem_comp.formula
ADP non-polymer ADENOSINE-5'-DIPHOSPHATE 'C10 H15 N5 O10 P2'
MG non-polymer 'MAGNESIUM ION' 'Mg 2'
#
# COMPACT_ATOMS: atom_id res chain seq x y z
N ASP A 3 32.31 -11.15 -11.14
CA ASP A 3 31.96 -10.79 -9.77
C ASP A 3 32.59 -11.73 -8.75
N ARG A 4 33.40 -11.16 -7.86
CA ARG A 4 34.06 -11.92 -6.81
C ARG A 4 33.10 -12.27 -5.67
N THR A 5 32.11 -11.42 -5.42
CA THR A 5 31.18 -11.66 -4.31
C THR A 5 30.41 -12.96 -4.53
N LEU A 6 29.94 -13.21 -5.76
CA LEU A 6 29.21 -14.43 -6.04
C LEU A 6 30.08 -15.67 -5.81
N ARG A 7 31.40 -15.56 -6.06
CA ARG A 7 32.27 -16.71 -5.90
C ARG A 7 32.46 -17.06 -4.42
N ARG A 8 32.64 -16.06 -3.57
CA ARG A 8 32.67 -16.31 -2.13
C ARG A 8 31.37 -16.94 -1.67
N MET A 9 30.23 -16.48 -2.20
CA MET A 9 28.95 -16.99 -1.74
C MET A 9 28.67 -18.38 -2.28
N ARG A 10 29.21 -18.73 -3.44
CA ARG A 10 29.01 -20.09 -3.93
C ARG A 10 29.62 -21.11 -2.98
N LYS A 11 30.77 -20.79 -2.40
CA LYS A 11 31.40 -21.72 -1.45
C LYS A 11 30.48 -21.99 -0.27
N VAL A 12 29.77 -20.97 0.21
CA VAL A 12 28.82 -21.17 1.31
C VAL A 12 27.62 -22.00 0.84
N VAL A 13 27.17 -21.77 -0.40
CA VAL A 13 26.06 -22.57 -0.94
C VAL A 13 26.42 -24.05 -0.91
N ASN A 14 27.61 -24.39 -1.41
CA ASN A 14 28.05 -25.79 -1.44
C ASN A 14 28.12 -26.34 -0.02
N ILE A 15 28.71 -25.56 0.90
CA ILE A 15 28.76 -25.99 2.29
C ILE A 15 27.36 -26.22 2.83
N ILE A 16 26.47 -25.23 2.68
CA ILE A 16 25.09 -25.42 3.11
C ILE A 16 24.52 -26.69 2.52
N ASN A 17 24.75 -26.91 1.22
CA ASN A 17 24.34 -28.14 0.58
C ASN A 17 24.95 -29.35 1.27
N ALA A 18 26.22 -29.27 1.65
CA ALA A 18 26.88 -30.39 2.31
C ALA A 18 26.26 -30.72 3.65
N MET A 19 25.58 -29.78 4.30
CA MET A 19 24.98 -30.01 5.60
C MET A 19 23.59 -30.62 5.52
N GLU A 20 22.94 -30.60 4.36
CA GLU A 20 21.59 -31.15 4.25
C GLU A 20 21.46 -32.56 4.80
N PRO A 21 22.35 -33.51 4.49
CA PRO A 21 22.16 -34.88 5.04
C PRO A 21 22.03 -34.89 6.55
N GLU A 22 22.86 -34.10 7.25
CA GLU A 22 22.77 -34.08 8.70
C GLU A 22 21.48 -33.43 9.17
N MET A 23 20.95 -32.46 8.43
CA MET A 23 19.66 -31.87 8.81
C MET A 23 18.52 -32.87 8.63
N GLU A 24 18.59 -33.70 7.58
CA GLU A 24 17.52 -34.67 7.35
C GLU A 24 17.38 -35.68 8.48
N LYS A 25 18.43 -35.89 9.28
CA LYS A 25 18.32 -36.83 10.39
C LYS A 25 17.53 -36.24 11.56
N LEU A 26 17.62 -34.93 11.78
CA LEU A 26 16.96 -34.32 12.92
C LEU A 26 15.46 -34.57 12.88
N SER A 27 14.89 -34.74 14.07
CA SER A 27 13.45 -34.79 14.27
C SER A 27 12.87 -33.39 14.19
N ASP A 28 11.54 -33.32 14.08
CA ASP A 28 10.89 -32.01 14.08
C ASP A 28 11.19 -31.24 15.35
N GLU A 29 11.41 -31.93 16.47
CA GLU A 29 11.72 -31.20 17.69
C GLU A 29 13.19 -30.79 17.73
N GLU A 30 14.12 -31.68 17.39
CA GLU A 30 15.50 -31.28 17.22
C GLU A 30 15.63 -30.10 16.27
N LEU A 31 14.90 -30.13 15.16
CA LEU A 31 14.93 -29.02 14.20
C LEU A 31 14.39 -27.75 14.83
N LYS A 32 13.36 -27.88 15.66
CA LYS A 32 12.77 -26.70 16.29
C LYS A 32 13.69 -26.11 17.36
N GLY A 33 14.47 -26.95 18.04
CA GLY A 33 15.40 -26.45 19.02
C GLY A 33 16.52 -25.62 18.44
N LYS A 34 16.74 -25.70 17.13
CA LYS A 34 17.84 -24.99 16.49
C LYS A 34 17.81 -23.51 16.82
N THR A 35 16.63 -22.91 16.86
CA THR A 35 16.55 -21.50 17.21
C THR A 35 17.17 -21.24 18.59
N ALA A 36 16.94 -22.13 19.55
CA ALA A 36 17.46 -21.90 20.90
C ALA A 36 18.94 -22.23 20.98
N GLU A 37 19.39 -23.25 20.25
CA GLU A 37 20.82 -23.55 20.22
C GLU A 37 21.58 -22.37 19.61
N PHE A 38 21.05 -21.80 18.52
CA PHE A 38 21.71 -20.64 17.91
C PHE A 38 21.78 -19.47 18.89
N ARG A 39 20.68 -19.20 19.60
CA ARG A 39 20.66 -18.01 20.47
C ARG A 39 21.61 -18.17 21.65
N ALA A 40 21.71 -19.38 22.21
CA ALA A 40 22.72 -19.61 23.25
C ALA A 40 24.11 -19.30 22.71
N ARG A 41 24.44 -19.81 21.52
CA ARG A 41 25.74 -19.47 20.94
C ARG A 41 25.91 -17.95 20.87
N LEU A 42 24.89 -17.24 20.41
CA LEU A 42 25.00 -15.79 20.29
C LEU A 42 25.26 -15.13 21.65
N ALA A 43 24.67 -15.67 22.71
CA ALA A 43 24.90 -15.13 24.05
C ALA A 43 26.26 -15.53 24.61
N ALA A 44 26.94 -16.49 23.99
CA ALA A 44 28.23 -17.00 24.46
C ALA A 44 29.33 -16.86 23.41
N GLY A 45 29.37 -15.71 22.73
CA GLY A 45 30.52 -15.37 21.91
C GLY A 45 30.36 -15.47 20.40
N ALA A 46 29.30 -16.11 19.90
CA ALA A 46 29.12 -16.20 18.46
C ALA A 46 28.70 -14.85 17.87
N VAL A 47 29.08 -14.64 16.62
CA VAL A 47 28.57 -13.54 15.81
C VAL A 47 27.64 -14.13 14.75
N LEU A 48 26.62 -13.34 14.38
CA LEU A 48 25.61 -13.78 13.44
C LEU A 48 26.20 -14.45 12.21
N GLU A 49 27.26 -13.86 11.64
CA GLU A 49 27.74 -14.37 10.36
C GLU A 49 28.27 -15.79 10.48
N ASN A 50 28.83 -16.16 11.64
CA ASN A 50 29.27 -17.55 11.83
C ASN A 50 28.16 -18.54 11.53
N LEU A 51 26.92 -18.20 11.88
CA LEU A 51 25.81 -19.15 11.85
C LEU A 51 25.09 -19.24 10.51
N ILE A 52 25.59 -18.58 9.47
CA ILE A 52 24.81 -18.43 8.24
C ILE A 52 24.58 -19.77 7.56
N PRO A 53 25.61 -20.57 7.27
CA PRO A 53 25.37 -21.89 6.67
C PRO A 53 24.32 -22.68 7.44
N GLU A 54 24.72 -23.02 8.66
CA GLU A 54 23.89 -23.79 9.58
C GLU A 54 22.46 -23.27 9.62
N ALA A 55 22.29 -21.95 9.77
CA ALA A 55 20.95 -21.40 9.88
C ALA A 55 20.15 -21.58 8.59
N PHE A 56 20.81 -21.36 7.44
CA PHE A 56 20.11 -21.55 6.17
C PHE A 56 19.72 -23.01 5.96
N ALA A 57 20.62 -23.93 6.29
CA ALA A 57 20.28 -25.35 6.16
C ALA A 57 19.13 -25.74 7.06
N VAL A 58 19.01 -25.11 8.23
CA VAL A 58 17.88 -25.40 9.09
C VAL A 58 16.59 -24.91 8.45
N VAL A 59 16.60 -23.70 7.89
CA VAL A 59 15.40 -23.17 7.26
C VAL A 59 15.00 -24.02 6.06
N ARG A 60 15.97 -24.33 5.19
CA ARG A 60 15.66 -25.15 4.02
C ARG A 60 14.97 -26.44 4.43
N GLU A 61 15.59 -27.19 5.34
CA GLU A 61 15.00 -28.46 5.75
C GLU A 61 13.64 -28.25 6.40
N ALA A 62 13.49 -27.18 7.18
CA ALA A 62 12.17 -26.86 7.72
C ALA A 62 11.18 -26.60 6.60
N SER A 63 11.59 -25.83 5.58
CA SER A 63 10.69 -25.58 4.46
C SER A 63 10.35 -26.87 3.71
N LYS A 64 11.30 -27.81 3.63
CA LYS A 64 10.97 -29.12 3.06
C LYS A 64 9.76 -29.72 3.74
N ARG A 65 9.76 -29.74 5.07
CA ARG A 65 8.75 -30.47 5.84
C ARG A 65 7.45 -29.71 5.98
N VAL A 66 7.47 -28.38 5.92
CA VAL A 66 6.28 -27.59 6.19
C VAL A 66 5.55 -27.21 4.90
N PHE A 67 6.31 -26.81 3.88
CA PHE A 67 5.74 -26.35 2.62
C PHE A 67 5.86 -27.36 1.49
N GLY A 68 6.74 -28.36 1.63
CA GLY A 68 7.14 -29.16 0.49
C GLY A 68 8.05 -28.44 -0.46
N MET A 69 8.75 -27.40 -0.01
CA MET A 69 9.58 -26.56 -0.88
C MET A 69 11.00 -26.51 -0.35
N ARG A 70 11.95 -26.99 -1.15
CA ARG A 70 13.37 -26.98 -0.78
C ARG A 70 14.04 -25.82 -1.49
N HIS A 71 14.56 -24.87 -0.72
CA HIS A 71 15.20 -23.68 -1.28
C HIS A 71 16.19 -24.06 -2.38
N PHE A 72 16.02 -23.47 -3.57
CA PHE A 72 16.99 -23.70 -4.61
C PHE A 72 18.31 -23.01 -4.25
N ASP A 73 19.39 -23.50 -4.88
CA ASP A 73 20.69 -22.89 -4.69
C ASP A 73 20.65 -21.38 -4.91
N VAL A 74 19.98 -20.94 -5.97
CA VAL A 74 19.97 -19.51 -6.25
C VAL A 74 19.21 -18.75 -5.18
N GLN A 75 18.18 -19.38 -4.60
CA GLN A 75 17.49 -18.76 -3.48
C GLN A 75 18.38 -18.68 -2.25
N LEU A 76 19.26 -19.66 -2.05
CA LEU A 76 20.26 -19.54 -0.99
C LEU A 76 21.18 -18.36 -1.24
N LEU A 77 21.57 -18.16 -2.49
CA LEU A 77 22.41 -17.04 -2.87
C LEU A 77 21.73 -15.71 -2.56
N GLY A 78 20.46 -15.57 -2.95
CA GLY A 78 19.74 -14.35 -2.68
C GLY A 78 19.59 -14.09 -1.20
N GLY A 79 19.32 -15.15 -0.42
CA GLY A 79 19.26 -15.02 1.02
C GLY A 79 20.52 -14.43 1.60
N MET A 80 21.67 -14.89 1.13
CA MET A 80 22.93 -14.35 1.63
C MET A 80 23.10 -12.90 1.23
N VAL A 81 22.73 -12.56 -0.02
CA VAL A 81 22.76 -11.17 -0.43
C VAL A 81 21.93 -10.32 0.53
N LEU A 82 20.72 -10.77 0.82
CA LEU A 82 19.77 -10.02 1.65
C LEU A 82 20.26 -9.80 3.08
N ASN A 83 21.23 -10.58 3.54
CA ASN A 83 21.74 -10.39 4.89
C ASN A 83 22.82 -9.32 4.93
N GLU A 84 23.53 -9.12 3.83
CA GLU A 84 24.41 -7.97 3.65
C GLU A 84 23.56 -6.74 3.28
N ARG A 85 24.21 -5.59 3.11
CA ARG A 85 23.47 -4.35 2.83
C ARG A 85 23.33 -4.17 1.32
N CYS A 86 22.48 -5.01 0.74
CA CYS A 86 22.43 -5.13 -0.71
C CYS A 86 21.01 -5.39 -1.22
N ILE A 87 20.85 -5.19 -2.52
CA ILE A 87 19.65 -5.58 -3.25
C ILE A 87 19.95 -6.85 -3.99
N ALA A 88 19.05 -7.82 -3.87
CA ALA A 88 19.12 -9.02 -4.69
C ALA A 88 18.12 -8.87 -5.85
N GLU A 89 18.62 -8.70 -7.06
CA GLU A 89 17.73 -8.77 -8.22
C GLU A 89 17.46 -10.24 -8.51
N MET A 90 16.23 -10.67 -8.27
CA MET A 90 15.78 -12.03 -8.56
C MET A 90 14.50 -11.92 -9.37
N ARG A 91 14.52 -12.46 -10.58
CA ARG A 91 13.41 -12.30 -11.52
C ARG A 91 12.06 -12.67 -10.92
N THR A 92 10.98 -12.17 -11.53
CA THR A 92 9.64 -12.53 -11.11
C THR A 92 9.48 -14.04 -11.10
N GLY A 93 8.85 -14.56 -10.05
CA GLY A 93 8.67 -15.99 -9.91
C GLY A 93 9.93 -16.75 -9.56
N GLU A 94 11.00 -16.06 -9.17
CA GLU A 94 12.17 -16.74 -8.66
C GLU A 94 12.01 -17.16 -7.20
N GLY A 95 10.90 -16.79 -6.56
CA GLY A 95 10.62 -17.16 -5.20
C GLY A 95 11.07 -16.20 -4.13
N LYS A 96 11.01 -14.90 -4.39
CA LYS A 96 11.49 -13.92 -3.42
C LYS A 96 10.81 -14.04 -2.06
N THR A 97 9.54 -14.47 -2.02
CA THR A 97 8.84 -14.58 -0.74
C THR A 97 9.44 -15.68 0.12
N LEU A 98 9.64 -16.85 -0.47
CA LEU A 98 10.28 -17.94 0.27
C LEU A 98 11.75 -17.59 0.54
N THR A 99 12.42 -16.95 -0.43
CA THR A 99 13.82 -16.61 -0.27
C THR A 99 14.05 -15.75 0.95
N ALA A 100 13.14 -14.81 1.22
CA ALA A 100 13.31 -13.89 2.33
C ALA A 100 13.28 -14.59 3.70
N THR A 101 12.80 -15.83 3.76
CA THR A 101 12.77 -16.51 5.05
C THR A 101 14.17 -16.83 5.56
N LEU A 102 15.13 -17.02 4.65
CA LEU A 102 16.51 -17.26 5.06
C LEU A 102 17.08 -16.09 5.87
N PRO A 103 17.19 -14.88 5.31
CA PRO A 103 17.75 -13.78 6.10
C PRO A 103 16.87 -13.34 7.24
N ALA A 104 15.55 -13.54 7.14
CA ALA A 104 14.64 -13.13 8.21
C ALA A 104 14.76 -14.05 9.41
N TYR A 105 14.93 -15.36 9.16
CA TYR A 105 15.23 -16.28 10.24
C TYR A 105 16.55 -15.91 10.90
N LEU A 106 17.58 -15.71 10.08
CA LEU A 106 18.91 -15.46 10.63
C LEU A 106 18.90 -14.20 11.49
N ASN A 107 18.29 -13.13 11.00
CA ASN A 107 18.34 -11.89 11.75
C ASN A 107 17.39 -11.87 12.93
N ALA A 108 16.28 -12.60 12.86
CA ALA A 108 15.37 -12.68 14.00
C ALA A 108 16.04 -13.29 15.22
N LEU A 109 17.04 -14.15 15.01
CA LEU A 109 17.76 -14.74 16.13
C LEU A 109 18.30 -13.67 17.06
N THR A 110 18.65 -12.52 16.50
CA THR A 110 19.22 -11.42 17.27
C THR A 110 18.29 -10.95 18.37
N GLY A 111 17.00 -11.28 18.29
CA GLY A 111 16.03 -10.85 19.28
C GLY A 111 15.58 -9.42 19.17
N LYS A 112 16.00 -8.69 18.15
CA LYS A 112 15.66 -7.29 18.00
C LYS A 112 14.54 -7.06 16.99
N GLY A 113 13.96 -8.11 16.42
CA GLY A 113 12.88 -7.97 15.47
C GLY A 113 13.37 -7.80 14.04
N VAL A 114 12.46 -8.04 13.09
CA VAL A 114 12.71 -7.93 11.66
C VAL A 114 11.49 -7.29 11.01
N HIS A 115 11.73 -6.33 10.11
CA HIS A 115 10.65 -5.69 9.37
C HIS A 115 10.73 -6.11 7.89
N VAL A 116 9.84 -7.00 7.49
CA VAL A 116 9.62 -7.30 6.08
C VAL A 116 8.61 -6.28 5.55
N VAL A 117 8.97 -5.58 4.48
CA VAL A 117 8.12 -4.56 3.86
C VAL A 117 7.66 -5.08 2.50
N THR A 118 6.36 -5.11 2.29
CA THR A 118 5.79 -5.32 0.96
C THR A 118 5.06 -4.03 0.55
N VAL A 119 4.34 -4.11 -0.57
CA VAL A 119 3.88 -2.91 -1.24
C VAL A 119 2.43 -2.56 -0.93
N ASN A 120 1.59 -3.53 -0.61
CA ASN A 120 0.21 -3.25 -0.24
C ASN A 120 -0.23 -4.20 0.87
N ASP A 121 -1.36 -3.87 1.49
CA ASP A 121 -1.79 -4.62 2.68
C ASP A 121 -2.14 -6.05 2.37
N TYR A 122 -2.71 -6.32 1.18
CA TYR A 122 -3.06 -7.70 0.86
C TYR A 122 -1.82 -8.58 0.82
N LEU A 123 -0.71 -8.07 0.26
CA LEU A 123 0.50 -8.88 0.16
C LEU A 123 1.19 -9.06 1.51
N ALA A 124 1.16 -8.02 2.36
CA ALA A 124 1.78 -8.15 3.68
C ALA A 124 1.13 -9.28 4.47
N GLN A 125 -0.20 -9.30 4.52
CA GLN A 125 -0.86 -10.37 5.25
C GLN A 125 -0.67 -11.71 4.54
N ARG A 126 -0.59 -11.71 3.21
CA ARG A 126 -0.45 -12.99 2.51
C ARG A 126 0.90 -13.63 2.82
N ASP A 127 2.00 -12.88 2.66
CA ASP A 127 3.31 -13.46 2.90
C ASP A 127 3.48 -13.84 4.37
N ALA A 128 2.94 -13.04 5.28
CA ALA A 128 3.01 -13.38 6.69
C ALA A 128 2.32 -14.72 6.94
N GLU A 129 1.07 -14.86 6.50
CA GLU A 129 0.32 -16.08 6.78
C GLU A 129 0.90 -17.26 6.01
N ASN A 130 1.31 -17.05 4.76
CA ASN A 130 1.97 -18.13 4.03
C ASN A 130 3.25 -18.56 4.73
N ASN A 131 4.09 -17.59 5.12
CA ASN A 131 5.36 -17.92 5.77
C ASN A 131 5.19 -18.34 7.21
N ARG A 132 4.06 -18.04 7.86
CA ARG A 132 3.96 -18.24 9.29
C ARG A 132 4.21 -19.67 9.73
N PRO A 133 3.71 -20.70 9.05
CA PRO A 133 3.99 -22.07 9.50
C PRO A 133 5.48 -22.40 9.54
N LEU A 134 6.26 -21.88 8.60
CA LEU A 134 7.70 -22.14 8.63
C LEU A 134 8.35 -21.47 9.83
N PHE A 135 7.91 -20.26 10.19
CA PHE A 135 8.53 -19.55 11.30
C PHE A 135 8.10 -20.12 12.64
N GLU A 136 6.84 -20.55 12.76
CA GLU A 136 6.37 -21.11 14.02
C GLU A 136 6.94 -22.50 14.25
N PHE A 137 7.07 -23.29 13.17
CA PHE A 137 7.78 -24.56 13.24
C PHE A 137 9.17 -24.39 13.85
N LEU A 138 9.79 -23.23 13.67
CA LEU A 138 11.15 -22.97 14.12
C LEU A 138 11.20 -22.13 15.38
N GLY A 139 10.10 -22.03 16.12
CA GLY A 139 10.11 -21.33 17.38
C GLY A 139 10.04 -19.82 17.30
N LEU A 140 9.63 -19.27 16.17
CA LEU A 140 9.50 -17.83 16.04
C LEU A 140 8.02 -17.45 15.95
N THR A 141 7.75 -16.21 16.33
CA THR A 141 6.43 -15.59 16.18
C THR A 141 6.47 -14.63 15.02
N VAL A 142 5.29 -14.36 14.46
CA VAL A 142 5.15 -13.56 13.24
C VAL A 142 4.05 -12.54 13.45
N GLY A 143 4.39 -11.26 13.32
CA GLY A 143 3.42 -10.19 13.42
C GLY A 143 3.02 -9.62 12.08
N ILE A 144 1.84 -9.02 12.05
CA ILE A 144 1.25 -8.42 10.85
C ILE A 144 0.78 -7.04 11.25
N ASN A 145 1.42 -6.01 10.69
CA ASN A 145 1.07 -4.63 10.98
C ASN A 145 0.12 -4.14 9.90
N LEU A 146 -1.08 -3.74 10.28
CA LEU A 146 -2.07 -3.34 9.31
C LEU A 146 -2.69 -2.01 9.70
N PRO A 147 -2.94 -1.13 8.74
CA PRO A 147 -3.63 0.13 9.05
C PRO A 147 -4.93 -0.17 9.80
N GLY A 148 -5.23 0.66 10.80
CA GLY A 148 -6.45 0.49 11.56
C GLY A 148 -6.34 -0.42 12.76
N MET A 149 -5.24 -1.12 12.94
CA MET A 149 -5.04 -1.89 14.15
C MET A 149 -4.83 -0.96 15.35
N PRO A 150 -5.44 -1.25 16.48
CA PRO A 150 -5.20 -0.43 17.68
C PRO A 150 -3.78 -0.60 18.18
N ALA A 151 -3.30 0.42 18.88
CA ALA A 151 -1.92 0.42 19.35
C ALA A 151 -1.52 -0.86 20.10
N PRO A 152 -2.36 -1.45 20.95
CA PRO A 152 -1.93 -2.71 21.60
C PRO A 152 -1.65 -3.80 20.58
N ALA A 153 -2.54 -3.98 19.61
CA ALA A 153 -2.36 -5.04 18.61
C ALA A 153 -1.12 -4.78 17.75
N LYS A 154 -0.96 -3.53 17.29
CA LYS A 154 0.24 -3.18 16.55
C LYS A 154 1.48 -3.44 17.39
N ARG A 155 1.45 -3.01 18.66
CA ARG A 155 2.59 -3.21 19.54
C ARG A 155 2.91 -4.69 19.72
N GLU A 156 1.89 -5.54 19.66
CA GLU A 156 2.14 -6.98 19.72
C GLU A 156 2.78 -7.46 18.42
N ALA A 157 2.39 -6.88 17.28
CA ALA A 157 2.98 -7.26 16.01
C ALA A 157 4.43 -6.79 15.89
N TYR A 158 4.77 -5.64 16.47
CA TYR A 158 6.17 -5.22 16.50
C TYR A 158 6.97 -6.00 17.51
N ALA A 159 6.30 -6.66 18.46
CA ALA A 159 6.96 -7.45 19.49
C ALA A 159 7.34 -8.84 19.01
N ALA A 160 6.73 -9.31 17.94
CA ALA A 160 7.03 -10.62 17.38
C ALA A 160 8.45 -10.67 16.82
N ASP A 161 8.97 -11.90 16.69
CA ASP A 161 10.29 -12.11 16.13
C ASP A 161 10.43 -11.41 14.78
N ILE A 162 9.46 -11.63 13.89
CA ILE A 162 9.45 -11.09 12.54
C ILE A 162 8.12 -10.39 12.31
N THR A 163 8.14 -9.27 11.60
CA THR A 163 6.94 -8.50 11.30
C THR A 163 6.80 -8.31 9.80
N TYR A 164 5.55 -8.25 9.34
CA TYR A 164 5.21 -7.90 7.96
C TYR A 164 4.32 -6.67 7.95
N GLY A 165 4.47 -5.88 6.90
CA GLY A 165 3.66 -4.67 6.73
C GLY A 165 4.09 -3.94 5.49
N THR A 166 3.33 -2.89 5.16
CA THR A 166 3.62 -2.04 4.01
C THR A 166 4.54 -0.89 4.41
N ASN A 167 5.23 -0.34 3.41
CA ASN A 167 6.07 0.82 3.67
C ASN A 167 5.27 1.96 4.29
N ASN A 168 4.04 2.17 3.83
CA ASN A 168 3.25 3.29 4.34
C ASN A 168 2.96 3.13 5.83
N GLU A 169 2.54 1.94 6.24
CA GLU A 169 2.09 1.76 7.62
C GLU A 169 3.26 1.72 8.60
N TYR A 170 4.44 1.24 8.16
CA TYR A 170 5.63 1.30 8.99
C TYR A 170 6.03 2.75 9.24
N GLY A 171 6.08 3.55 8.16
CA GLY A 171 6.42 4.95 8.33
C GLY A 171 5.36 5.73 9.08
N PHE A 172 4.09 5.39 8.87
CA PHE A 172 3.04 6.06 9.64
C PHE A 172 3.16 5.73 11.12
N ASP A 173 3.56 4.51 11.46
CA ASP A 173 3.73 4.16 12.86
C ASP A 173 4.85 4.96 13.49
N TYR A 174 5.93 5.17 12.75
CA TYR A 174 7.08 5.90 13.25
C TYR A 174 6.72 7.36 13.54
N LEU A 175 6.07 8.02 12.58
CA LEU A 175 5.61 9.39 12.80
C LEU A 175 4.70 9.47 14.02
N ARG A 176 3.68 8.60 14.08
CA ARG A 176 2.81 8.56 15.25
C ARG A 176 3.60 8.29 16.53
N ASP A 177 4.67 7.49 16.43
CA ASP A 177 5.52 7.28 17.58
C ASP A 177 6.30 8.54 17.98
N ASN A 178 6.71 9.36 17.00
CA ASN A 178 7.47 10.56 17.34
C ASN A 178 6.63 11.56 18.11
N MET A 179 5.32 11.46 18.02
CA MET A 179 4.42 12.37 18.71
C MET A 179 3.97 11.87 20.06
N ALA A 180 4.48 10.71 20.49
CA ALA A 180 4.11 10.16 21.79
C ALA A 180 4.72 11.00 22.91
N PHE A 181 3.98 11.11 24.02
CA PHE A 181 4.44 11.95 25.11
C PHE A 181 5.50 11.28 25.97
N SER A 182 5.44 9.96 26.12
CA SER A 182 6.61 9.24 26.62
C SER A 182 6.76 7.95 25.83
N PRO A 183 7.90 7.26 25.92
CA PRO A 183 8.10 6.05 25.10
C PRO A 183 7.04 4.99 25.30
N ALA A 184 6.33 5.00 26.44
CA ALA A 184 5.38 3.93 26.72
C ALA A 184 4.27 3.87 25.67
N ALA A 185 3.88 5.01 25.12
CA ALA A 185 2.79 5.02 24.15
C ALA A 185 3.20 4.45 22.81
N ARG A 186 4.50 4.40 22.51
CA ARG A 186 4.97 4.01 21.18
C ARG A 186 4.57 2.57 20.86
N VAL A 187 4.83 2.14 19.63
CA VAL A 187 4.38 0.85 19.16
C VAL A 187 5.54 0.09 18.55
N GLN A 188 6.48 0.83 17.95
CA GLN A 188 7.65 0.21 17.34
C GLN A 188 8.74 -0.04 18.37
N ARG A 189 9.56 -1.04 18.09
CA ARG A 189 10.83 -1.18 18.79
C ARG A 189 11.89 -0.41 18.01
N LYS A 190 13.16 -0.75 18.18
CA LYS A 190 14.21 -0.11 17.41
C LYS A 190 14.10 -0.56 15.97
N LEU A 191 14.40 0.36 15.06
CA LEU A 191 14.45 0.02 13.64
C LEU A 191 15.75 -0.73 13.42
N HIS A 192 15.66 -2.07 13.44
CA HIS A 192 16.82 -2.95 13.39
C HIS A 192 17.11 -3.45 11.97
N TYR A 193 16.18 -4.17 11.36
CA TYR A 193 16.41 -4.79 10.04
C TYR A 193 15.19 -4.58 9.17
N ALA A 194 15.34 -3.85 8.06
CA ALA A 194 14.27 -3.65 7.10
C ALA A 194 14.63 -4.38 5.81
N LEU A 195 13.93 -5.49 5.57
CA LEU A 195 14.09 -6.30 4.35
C LEU A 195 12.93 -5.93 3.43
N VAL A 196 13.22 -5.16 2.38
CA VAL A 196 12.21 -4.47 1.59
C VAL A 196 11.95 -5.28 0.31
N ASP A 197 10.80 -5.94 0.27
CA ASP A 197 10.34 -6.57 -0.96
C ASP A 197 9.92 -5.48 -1.96
N GLU A 198 9.90 -5.85 -3.24
CA GLU A 198 9.60 -4.93 -4.33
C GLU A 198 10.36 -3.62 -4.13
N VAL A 199 11.68 -3.73 -3.96
CA VAL A 199 12.44 -2.61 -3.46
C VAL A 199 12.57 -1.48 -4.46
N ASP A 200 12.42 -1.74 -5.76
CA ASP A 200 12.45 -0.60 -6.68
C ASP A 200 11.17 0.22 -6.59
N SER A 201 10.01 -0.43 -6.44
CA SER A 201 8.79 0.33 -6.16
C SER A 201 8.96 1.21 -4.93
N ILE A 202 9.49 0.64 -3.84
CA ILE A 202 9.49 1.33 -2.55
C ILE A 202 10.64 2.31 -2.43
N LEU A 203 11.87 1.82 -2.50
CA LEU A 203 13.02 2.68 -2.20
C LEU A 203 13.36 3.66 -3.33
N ILE A 204 12.86 3.44 -4.55
CA ILE A 204 13.17 4.33 -5.68
C ILE A 204 11.95 5.18 -6.07
N ASP A 205 10.86 4.54 -6.49
CA ASP A 205 9.74 5.29 -7.05
C ASP A 205 9.07 6.16 -5.99
N GLU A 206 9.00 5.68 -4.75
CA GLU A 206 8.44 6.45 -3.65
C GLU A 206 9.51 7.13 -2.79
N ALA A 207 10.78 7.03 -3.16
CA ALA A 207 11.87 7.53 -2.32
C ALA A 207 11.60 8.94 -1.80
N ARG A 208 11.23 9.86 -2.69
CA ARG A 208 11.09 11.25 -2.29
C ARG A 208 9.68 11.61 -1.81
N THR A 209 8.68 10.78 -2.11
CA THR A 209 7.32 11.09 -1.69
C THR A 209 7.24 11.02 -0.18
N PRO A 210 6.83 12.08 0.50
CA PRO A 210 6.87 12.10 1.97
C PRO A 210 5.63 11.50 2.59
N LEU A 211 5.82 10.88 3.76
CA LEU A 211 4.70 10.54 4.62
C LEU A 211 4.36 11.74 5.47
N ILE A 212 3.07 12.05 5.53
CA ILE A 212 2.59 13.25 6.21
C ILE A 212 1.47 12.83 7.14
N ILE A 213 1.52 13.31 8.38
CA ILE A 213 0.41 13.20 9.31
C ILE A 213 -0.10 14.60 9.54
N SER A 214 -1.37 14.84 9.18
CA SER A 214 -1.98 16.15 9.31
C SER A 214 -2.83 16.21 10.55
N GLY A 215 -2.82 17.35 11.21
CA GLY A 215 -3.60 17.57 12.40
C GLY A 215 -3.82 19.04 12.66
N PRO A 216 -4.54 19.36 13.71
CA PRO A 216 -4.74 20.77 14.07
C PRO A 216 -3.94 21.18 15.28
N ALA A 217 -3.26 22.32 15.20
CA ALA A 217 -2.68 22.95 16.39
C ALA A 217 -3.46 24.18 16.83
N GLU A 218 -4.16 24.83 15.90
CA GLU A 218 -5.04 25.94 16.22
C GLU A 218 -6.37 25.38 16.75
N ASP A 219 -6.30 24.83 17.96
CA ASP A 219 -7.49 24.31 18.61
C ASP A 219 -8.37 25.45 19.10
N SER A 220 -9.27 25.94 18.24
CA SER A 220 -10.14 27.05 18.61
C SER A 220 -11.61 26.64 18.55
N SER A 221 -11.93 25.47 19.11
CA SER A 221 -13.30 24.98 19.07
C SER A 221 -14.15 25.59 20.18
N GLU A 222 -13.59 25.72 21.38
CA GLU A 222 -14.34 26.26 22.51
C GLU A 222 -14.89 27.65 22.20
N MET A 223 -14.14 28.46 21.45
CA MET A 223 -14.67 29.73 20.99
C MET A 223 -15.83 29.52 20.03
N TYR A 224 -15.67 28.62 19.06
CA TYR A 224 -16.76 28.31 18.15
C TYR A 224 -17.98 27.79 18.91
N LYS A 225 -17.80 26.70 19.67
CA LYS A 225 -18.92 26.13 20.39
C LYS A 225 -19.57 27.16 21.31
N ARG A 226 -18.78 27.79 22.18
CA ARG A 226 -19.32 28.71 23.18
C ARG A 226 -19.93 29.96 22.52
N VAL A 227 -19.25 30.53 21.53
CA VAL A 227 -19.78 31.72 20.86
C VAL A 227 -21.08 31.41 20.16
N ASN A 228 -21.23 30.19 19.64
CA ASN A 228 -22.47 29.80 18.97
C ASN A 228 -23.67 29.99 19.89
N LYS A 229 -23.47 29.85 21.21
CA LYS A 229 -24.57 29.93 22.16
C LYS A 229 -25.26 31.30 22.16
N ILE A 230 -24.62 32.34 21.63
CA ILE A 230 -25.18 33.68 21.72
C ILE A 230 -26.16 34.02 20.60
N ILE A 231 -26.08 33.33 19.47
CA ILE A 231 -26.87 33.69 18.30
C ILE A 231 -28.34 33.35 18.53
N PRO A 232 -28.66 32.20 19.11
CA PRO A 232 -30.07 31.95 19.49
C PRO A 232 -30.71 33.10 20.25
N HIS A 233 -29.93 33.90 20.99
CA HIS A 233 -30.50 35.00 21.75
C HIS A 233 -30.84 36.21 20.89
N LEU A 234 -30.28 36.31 19.69
CA LEU A 234 -30.51 37.47 18.83
C LEU A 234 -31.82 37.33 18.05
N ILE A 235 -32.56 38.43 17.97
CA ILE A 235 -33.81 38.51 17.20
C ILE A 235 -33.54 39.23 15.89
N ARG A 236 -34.13 38.72 14.80
CA ARG A 236 -33.93 39.29 13.48
C ARG A 236 -34.98 40.34 13.17
N GLN A 237 -34.59 41.33 12.38
CA GLN A 237 -35.48 42.37 11.89
C GLN A 237 -35.29 42.54 10.39
N GLU A 238 -36.21 43.27 9.76
CA GLU A 238 -36.31 43.25 8.30
C GLU A 238 -35.32 44.19 7.61
N LYS A 239 -34.93 45.29 8.24
CA LYS A 239 -34.05 46.27 7.59
C LYS A 239 -32.99 46.77 8.56
N GLU A 240 -31.96 47.40 8.00
CA GLU A 240 -31.01 48.18 8.79
C GLU A 240 -31.70 49.43 9.33
N ASP A 241 -31.27 49.87 10.51
CA ASP A 241 -31.85 51.05 11.14
C ASP A 241 -31.36 52.29 10.39
N SER A 242 -32.08 52.62 9.32
CA SER A 242 -31.77 53.72 8.42
C SER A 242 -32.46 54.99 8.90
N GLU A 243 -32.34 56.07 8.12
CA GLU A 243 -33.05 57.31 8.44
C GLU A 243 -34.56 57.12 8.32
N THR A 244 -35.00 56.39 7.30
CA THR A 244 -36.42 56.20 7.04
C THR A 244 -37.01 55.00 7.78
N PHE A 245 -36.17 54.12 8.32
CA PHE A 245 -36.64 52.89 8.94
C PHE A 245 -36.01 52.70 10.30
N GLN A 246 -36.75 52.01 11.17
CA GLN A 246 -36.31 51.68 12.52
C GLN A 246 -36.82 50.29 12.87
N GLY A 247 -36.02 49.55 13.65
CA GLY A 247 -36.36 48.19 14.00
C GLY A 247 -36.27 47.94 15.49
N GLU A 248 -36.92 46.86 15.92
CA GLU A 248 -36.93 46.42 17.32
C GLU A 248 -36.11 45.15 17.51
N GLY A 249 -35.15 44.89 16.62
CA GLY A 249 -34.39 43.65 16.68
C GLY A 249 -32.89 43.83 16.77
N HIS A 250 -32.15 42.72 16.70
CA HIS A 250 -30.72 42.71 16.92
C HIS A 250 -29.88 42.61 15.65
N PHE A 251 -30.46 42.17 14.52
CA PHE A 251 -29.72 42.11 13.27
C PHE A 251 -30.71 42.05 12.12
N SER A 252 -30.21 42.37 10.92
CA SER A 252 -31.02 42.32 9.70
C SER A 252 -30.44 41.32 8.71
N VAL A 253 -30.82 41.41 7.43
CA VAL A 253 -30.32 40.47 6.45
C VAL A 253 -30.67 40.89 5.02
N ASP A 254 -29.68 40.80 4.12
CA ASP A 254 -29.84 41.12 2.71
C ASP A 254 -29.94 39.82 1.92
N GLU A 255 -31.16 39.31 1.78
CA GLU A 255 -31.33 38.14 0.92
C GLU A 255 -30.80 38.41 -0.48
N LYS A 256 -31.06 39.61 -1.01
CA LYS A 256 -30.62 39.96 -2.35
C LYS A 256 -29.10 39.93 -2.46
N SER A 257 -28.42 40.72 -1.64
CA SER A 257 -26.96 40.73 -1.63
C SER A 257 -26.35 39.63 -0.77
N ARG A 258 -27.19 38.79 -0.15
CA ARG A 258 -26.73 37.66 0.68
C ARG A 258 -25.67 38.10 1.69
N GLN A 259 -26.10 38.93 2.63
CA GLN A 259 -25.21 39.42 3.68
C GLN A 259 -26.01 39.77 4.93
N VAL A 260 -25.32 39.77 6.07
CA VAL A 260 -25.92 39.95 7.38
C VAL A 260 -25.46 41.26 7.97
N ASN A 261 -26.40 42.06 8.48
CA ASN A 261 -26.08 43.33 9.11
C ASN A 261 -26.66 43.36 10.52
N LEU A 262 -25.86 43.89 11.44
CA LEU A 262 -26.14 43.84 12.86
C LEU A 262 -26.52 45.23 13.35
N THR A 263 -27.64 45.33 14.04
CA THR A 263 -28.11 46.62 14.55
C THR A 263 -27.56 46.88 15.95
N GLU A 264 -27.57 48.16 16.34
CA GLU A 264 -26.82 48.60 17.50
C GLU A 264 -27.25 47.89 18.78
N ARG A 265 -28.54 47.57 18.91
CA ARG A 265 -28.98 46.86 20.11
C ARG A 265 -28.39 45.46 20.17
N GLY A 266 -28.23 44.80 19.02
CA GLY A 266 -27.59 43.49 19.01
C GLY A 266 -26.15 43.54 19.47
N LEU A 267 -25.40 44.52 18.95
CA LEU A 267 -24.03 44.71 19.41
C LEU A 267 -23.98 44.93 20.92
N VAL A 268 -24.93 45.69 21.46
CA VAL A 268 -25.06 45.80 22.91
C VAL A 268 -25.19 44.42 23.53
N LEU A 269 -26.22 43.68 23.12
CA LEU A 269 -26.54 42.40 23.76
C LEU A 269 -25.44 41.37 23.51
N ILE A 270 -25.02 41.20 22.25
CA ILE A 270 -23.89 40.32 21.97
C ILE A 270 -22.72 40.67 22.88
N GLU A 271 -22.31 41.95 22.83
CA GLU A 271 -21.25 42.43 23.72
C GLU A 271 -21.55 42.08 25.17
N GLU A 272 -22.78 42.33 25.61
CA GLU A 272 -23.18 41.90 26.96
C GLU A 272 -22.95 40.41 27.14
N LEU A 273 -23.44 39.60 26.20
CA LEU A 273 -23.40 38.16 26.35
C LEU A 273 -21.99 37.61 26.13
N LEU A 274 -21.28 38.09 25.10
CA LEU A 274 -19.88 37.76 24.93
C LEU A 274 -19.15 37.95 26.25
N VAL A 275 -19.11 39.20 26.71
CA VAL A 275 -18.49 39.52 28.00
C VAL A 275 -19.09 38.65 29.10
N LYS A 276 -20.42 38.51 29.10
CA LYS A 276 -21.10 37.84 30.19
C LYS A 276 -20.59 36.41 30.37
N GLU A 277 -20.65 35.60 29.31
CA GLU A 277 -20.29 34.19 29.48
C GLU A 277 -18.83 34.04 29.90
N GLY A 278 -17.97 34.96 29.51
CA GLY A 278 -16.58 34.88 29.94
C GLY A 278 -15.61 34.89 28.77
N ILE A 279 -16.03 35.48 27.66
CA ILE A 279 -15.21 35.58 26.45
C ILE A 279 -14.80 37.01 26.16
N MET A 280 -15.15 37.95 27.03
CA MET A 280 -14.82 39.35 26.83
C MET A 280 -14.64 40.01 28.19
N ASP A 281 -14.34 41.31 28.18
CA ASP A 281 -14.15 42.09 29.38
C ASP A 281 -15.08 43.29 29.37
N GLU A 282 -15.39 43.79 30.56
CA GLU A 282 -16.28 44.95 30.64
C GLU A 282 -15.61 46.16 30.00
N GLY A 283 -16.43 46.98 29.35
CA GLY A 283 -15.92 48.13 28.63
C GLY A 283 -15.17 47.82 27.35
N GLU A 284 -15.07 46.56 26.97
CA GLU A 284 -14.36 46.20 25.75
C GLU A 284 -15.18 46.58 24.52
N SER A 285 -14.52 47.22 23.56
CA SER A 285 -15.12 47.40 22.25
C SER A 285 -14.92 46.12 21.44
N LEU A 286 -15.99 45.65 20.80
CA LEU A 286 -15.92 44.42 20.04
C LEU A 286 -15.56 44.67 18.58
N TYR A 287 -15.46 45.93 18.18
CA TYR A 287 -14.70 46.33 17.00
C TYR A 287 -13.26 46.69 17.35
N SER A 288 -12.85 46.42 18.59
CA SER A 288 -11.53 46.82 19.07
C SER A 288 -10.44 45.97 18.43
N PRO A 289 -9.45 46.56 17.78
CA PRO A 289 -8.31 45.76 17.28
C PRO A 289 -7.76 44.82 18.32
N ALA A 290 -7.90 45.15 19.61
CA ALA A 290 -7.43 44.27 20.68
C ALA A 290 -8.15 42.93 20.65
N ASN A 291 -9.48 42.96 20.71
CA ASN A 291 -10.30 41.75 20.66
C ASN A 291 -11.07 41.76 19.34
N ILE A 292 -10.43 41.22 18.30
CA ILE A 292 -11.06 41.11 16.98
C ILE A 292 -11.16 39.67 16.51
N MET A 293 -10.53 38.72 17.19
CA MET A 293 -10.85 37.31 16.95
C MET A 293 -12.35 37.08 17.04
N LEU A 294 -12.98 37.61 18.09
CA LEU A 294 -14.41 37.42 18.28
C LEU A 294 -15.21 37.92 17.09
N MET A 295 -14.85 39.09 16.55
CA MET A 295 -15.57 39.63 15.40
C MET A 295 -15.69 38.61 14.29
N HIS A 296 -14.58 37.95 13.95
CA HIS A 296 -14.64 36.88 12.97
C HIS A 296 -15.44 35.69 13.50
N HIS A 297 -15.26 35.36 14.79
CA HIS A 297 -16.11 34.33 15.38
C HIS A 297 -17.58 34.68 15.24
N VAL A 298 -17.94 35.91 15.59
CA VAL A 298 -19.35 36.30 15.60
C VAL A 298 -19.88 36.46 14.18
N THR A 299 -19.13 37.16 13.33
CA THR A 299 -19.57 37.35 11.95
C THR A 299 -19.74 36.02 11.23
N ALA A 300 -18.93 35.02 11.56
CA ALA A 300 -19.12 33.69 11.00
C ALA A 300 -20.32 33.01 11.63
N ALA A 301 -20.39 33.00 12.96
CA ALA A 301 -21.54 32.44 13.64
C ALA A 301 -22.83 33.08 13.15
N LEU A 302 -22.87 34.42 13.13
CA LEU A 302 -24.06 35.12 12.65
C LEU A 302 -24.42 34.67 11.24
N ARG A 303 -23.43 34.58 10.36
CA ARG A 303 -23.69 34.07 9.02
C ARG A 303 -24.24 32.65 9.07
N ALA A 304 -23.70 31.81 9.95
CA ALA A 304 -24.11 30.41 9.98
C ALA A 304 -25.60 30.26 10.29
N HIS A 305 -26.10 31.01 11.26
CA HIS A 305 -27.54 30.97 11.55
C HIS A 305 -28.33 31.80 10.56
N ALA A 306 -27.81 32.96 10.19
CA ALA A 306 -28.61 33.97 9.47
C ALA A 306 -28.73 33.66 7.99
N LEU A 307 -27.63 33.31 7.33
CA LEU A 307 -27.59 33.22 5.88
C LEU A 307 -27.69 31.79 5.34
N PHE A 308 -27.40 30.79 6.15
CA PHE A 308 -27.34 29.40 5.72
C PHE A 308 -28.35 28.59 6.52
N THR A 309 -29.12 27.76 5.83
CA THR A 309 -30.19 26.99 6.46
C THR A 309 -30.09 25.54 6.04
N ARG A 310 -30.25 24.65 7.02
CA ARG A 310 -30.06 23.22 6.78
C ARG A 310 -31.14 22.67 5.85
N ASP A 311 -30.75 21.66 5.07
CA ASP A 311 -31.57 21.07 4.01
C ASP A 311 -31.83 22.04 2.86
N VAL A 312 -31.20 23.22 2.88
CA VAL A 312 -31.26 24.17 1.78
C VAL A 312 -29.88 24.45 1.19
N ASP A 313 -28.94 24.89 2.02
CA ASP A 313 -27.57 25.15 1.60
C ASP A 313 -26.62 24.03 1.97
N TYR A 314 -27.01 23.17 2.89
CA TYR A 314 -26.16 22.07 3.34
C TYR A 314 -27.08 21.00 3.90
N ILE A 315 -26.48 19.93 4.40
CA ILE A 315 -27.20 18.85 5.07
C ILE A 315 -26.30 18.34 6.17
N VAL A 316 -26.87 17.59 7.10
CA VAL A 316 -26.07 17.05 8.19
C VAL A 316 -26.20 15.54 8.18
N LYS A 317 -25.53 14.90 7.22
CA LYS A 317 -25.47 13.45 7.13
C LYS A 317 -24.17 12.96 7.75
N ASP A 318 -24.24 11.82 8.43
CA ASP A 318 -23.04 11.16 8.93
C ASP A 318 -22.17 12.10 9.75
N GLY A 319 -22.80 13.00 10.51
CA GLY A 319 -22.04 13.92 11.33
C GLY A 319 -21.09 14.83 10.58
N GLU A 320 -21.27 15.04 9.29
CA GLU A 320 -20.45 15.99 8.55
C GLU A 320 -21.38 17.01 7.89
N VAL A 321 -21.10 18.28 8.13
CA VAL A 321 -21.80 19.32 7.38
C VAL A 321 -21.33 19.25 5.93
N ILE A 322 -22.27 19.04 5.02
CA ILE A 322 -21.99 18.92 3.60
C ILE A 322 -22.71 20.04 2.86
N ILE A 323 -22.05 20.61 1.86
CA ILE A 323 -22.64 21.71 1.10
C ILE A 323 -23.54 21.14 0.01
N VAL A 324 -24.28 22.01 -0.66
CA VAL A 324 -25.15 21.64 -1.77
C VAL A 324 -24.92 22.62 -2.91
N ASP A 325 -24.65 22.10 -4.10
CA ASP A 325 -24.42 22.95 -5.25
C ASP A 325 -25.69 23.72 -5.61
N GLU A 326 -25.52 24.93 -6.14
CA GLU A 326 -26.65 25.78 -6.48
C GLU A 326 -27.65 25.05 -7.36
N HIS A 327 -27.18 24.11 -8.17
CA HIS A 327 -28.08 23.31 -9.02
C HIS A 327 -28.93 22.40 -8.16
N THR A 328 -28.72 22.44 -6.84
CA THR A 328 -29.43 21.61 -5.88
C THR A 328 -29.18 20.13 -6.16
N GLY A 329 -28.32 19.85 -7.14
CA GLY A 329 -28.16 18.47 -7.59
C GLY A 329 -27.39 17.60 -6.61
N ARG A 330 -26.40 18.17 -5.93
CA ARG A 330 -25.44 17.29 -5.27
C ARG A 330 -24.84 17.90 -4.01
N THR A 331 -24.08 17.05 -3.32
CA THR A 331 -23.45 17.35 -2.06
C THR A 331 -22.00 16.87 -2.12
N MET A 332 -21.05 17.78 -1.99
CA MET A 332 -19.65 17.41 -1.96
C MET A 332 -19.28 16.82 -0.61
N GLN A 333 -18.21 16.03 -0.59
CA GLN A 333 -17.80 15.33 0.63
C GLN A 333 -16.42 15.69 1.13
N GLY A 334 -15.61 16.41 0.35
CA GLY A 334 -14.34 16.89 0.84
C GLY A 334 -14.38 18.38 1.11
N ARG A 335 -15.26 19.08 0.40
CA ARG A 335 -15.29 20.53 0.45
C ARG A 335 -15.60 21.05 1.86
N ARG A 336 -14.95 22.14 2.23
CA ARG A 336 -15.18 22.84 3.51
C ARG A 336 -15.44 24.31 3.22
N TRP A 337 -15.63 25.09 4.28
CA TRP A 337 -15.93 26.52 4.19
C TRP A 337 -14.83 27.33 4.86
N SER A 338 -14.47 28.44 4.21
CA SER A 338 -13.34 29.26 4.63
C SER A 338 -13.73 30.22 5.75
N ASP A 339 -12.71 30.72 6.44
CA ASP A 339 -12.88 31.78 7.43
C ASP A 339 -13.65 31.32 8.66
N GLY A 340 -13.57 30.03 8.98
CA GLY A 340 -14.31 29.50 10.11
C GLY A 340 -15.79 29.33 9.87
N LEU A 341 -16.27 29.56 8.65
CA LEU A 341 -17.70 29.45 8.38
C LEU A 341 -18.18 28.02 8.61
N HIS A 342 -17.46 27.04 8.05
CA HIS A 342 -17.85 25.65 8.24
C HIS A 342 -17.86 25.27 9.72
N GLN A 343 -16.85 25.72 10.47
CA GLN A 343 -16.80 25.43 11.89
C GLN A 343 -18.02 25.97 12.61
N ALA A 344 -18.34 27.25 12.38
CA ALA A 344 -19.52 27.85 12.99
C ALA A 344 -20.79 27.13 12.53
N VAL A 345 -20.90 26.83 11.24
CA VAL A 345 -22.03 26.07 10.74
C VAL A 345 -22.06 24.70 11.40
N GLU A 346 -20.93 23.99 11.35
CA GLU A 346 -20.83 22.72 12.07
C GLU A 346 -21.15 22.92 13.55
N ALA A 347 -20.60 23.98 14.16
CA ALA A 347 -20.83 24.21 15.58
C ALA A 347 -22.30 24.50 15.88
N LYS A 348 -22.98 25.21 14.96
CA LYS A 348 -24.41 25.47 15.15
C LYS A 348 -25.20 24.17 15.14
N GLU A 349 -24.85 23.24 14.24
CA GLU A 349 -25.49 21.94 14.23
C GLU A 349 -24.98 21.02 15.34
N GLY A 350 -23.76 21.25 15.84
CA GLY A 350 -23.21 20.57 17.01
C GLY A 350 -22.48 19.29 16.75
N VAL A 351 -21.97 19.12 15.54
CA VAL A 351 -21.74 17.76 15.05
C VAL A 351 -20.30 17.29 15.24
N GLN A 352 -19.38 17.97 14.61
CA GLN A 352 -17.99 17.61 14.55
C GLN A 352 -17.25 18.90 14.15
N ILE A 353 -16.93 19.71 15.17
CA ILE A 353 -16.16 20.92 14.92
C ILE A 353 -14.84 20.54 14.26
N GLN A 354 -14.51 21.23 13.18
CA GLN A 354 -13.36 20.90 12.33
C GLN A 354 -12.32 22.01 12.45
N ASN A 355 -11.31 21.80 13.30
CA ASN A 355 -10.16 22.68 13.30
C ASN A 355 -9.43 22.58 11.96
N GLU A 356 -8.64 23.60 11.66
CA GLU A 356 -7.76 23.52 10.50
C GLU A 356 -6.73 22.43 10.71
N ASN A 357 -6.42 21.69 9.65
CA ASN A 357 -5.41 20.64 9.70
C ASN A 357 -4.14 21.12 9.04
N GLN A 358 -3.01 20.79 9.65
CA GLN A 358 -1.70 21.13 9.12
C GLN A 358 -0.78 19.93 9.29
N THR A 359 0.40 20.04 8.71
CA THR A 359 1.40 18.98 8.84
C THR A 359 1.95 18.98 10.25
N LEU A 360 1.81 17.84 10.92
CA LEU A 360 2.35 17.68 12.27
C LEU A 360 3.64 16.87 12.28
N ALA A 361 3.76 15.87 11.41
CA ALA A 361 4.98 15.10 11.25
C ALA A 361 5.16 14.75 9.79
N SER A 362 6.42 14.55 9.39
CA SER A 362 6.71 14.28 7.99
C SER A 362 8.02 13.53 7.90
N ILE A 363 8.08 12.54 7.02
CA ILE A 363 9.33 11.86 6.69
C ILE A 363 9.18 11.24 5.31
N THR A 364 10.28 11.28 4.57
CA THR A 364 10.40 10.55 3.32
C THR A 364 10.85 9.13 3.60
N PHE A 365 10.43 8.19 2.75
CA PHE A 365 10.91 6.83 2.91
C PHE A 365 12.42 6.77 2.78
N GLN A 366 12.98 7.65 1.96
CA GLN A 366 14.42 7.81 1.85
C GLN A 366 15.06 7.95 3.23
N ASN A 367 14.65 8.99 3.95
CA ASN A 367 15.13 9.19 5.31
C ASN A 367 14.67 8.07 6.23
N TYR A 368 13.44 7.58 6.02
CA TYR A 368 12.92 6.57 6.94
C TYR A 368 13.76 5.30 6.88
N PHE A 369 13.80 4.65 5.72
CA PHE A 369 14.49 3.37 5.65
C PHE A 369 15.99 3.50 5.88
N ARG A 370 16.55 4.70 5.77
CA ARG A 370 17.92 4.92 6.23
C ARG A 370 18.05 4.84 7.75
N LEU A 371 16.95 4.88 8.50
CA LEU A 371 17.05 4.77 9.95
C LEU A 371 17.44 3.37 10.39
N TYR A 372 17.05 2.34 9.65
CA TYR A 372 17.29 0.99 10.13
C TYR A 372 18.79 0.76 10.26
N GLU A 373 19.16 -0.10 11.21
CA GLU A 373 20.57 -0.47 11.33
C GLU A 373 21.02 -1.30 10.13
N LYS A 374 20.21 -2.26 9.71
CA LYS A 374 20.46 -3.05 8.51
C LYS A 374 19.33 -2.86 7.53
N LEU A 375 19.67 -2.67 6.26
CA LEU A 375 18.69 -2.48 5.20
C LEU A 375 19.00 -3.42 4.04
N ALA A 376 17.97 -4.01 3.46
CA ALA A 376 18.18 -4.86 2.31
C ALA A 376 16.89 -4.91 1.50
N GLY A 377 17.01 -5.40 0.28
CA GLY A 377 15.91 -5.30 -0.66
C GLY A 377 16.04 -6.33 -1.75
N MET A 378 14.90 -6.73 -2.29
CA MET A 378 14.83 -7.68 -3.38
C MET A 378 13.82 -7.16 -4.40
N THR A 379 14.04 -7.53 -5.65
CA THR A 379 13.19 -7.08 -6.75
C THR A 379 13.57 -7.84 -8.00
N GLY A 380 12.62 -7.92 -8.93
CA GLY A 380 12.91 -8.46 -10.23
C GLY A 380 13.57 -7.48 -11.20
N THR A 381 13.67 -6.20 -10.81
CA THR A 381 14.18 -5.15 -11.68
C THR A 381 14.87 -4.12 -10.77
N ALA A 382 16.19 -4.25 -10.63
CA ALA A 382 16.93 -3.34 -9.76
C ALA A 382 18.19 -2.81 -10.45
N ASP A 383 18.80 -3.62 -11.32
CA ASP A 383 20.14 -3.31 -11.83
C ASP A 383 20.16 -1.93 -12.49
N THR A 384 19.09 -1.56 -13.20
CA THR A 384 19.06 -0.27 -13.88
C THR A 384 19.13 0.88 -12.89
N GLU A 385 18.65 0.68 -11.67
CA GLU A 385 18.62 1.72 -10.66
C GLU A 385 19.81 1.65 -9.72
N ALA A 386 20.81 0.81 -10.04
CA ALA A 386 21.91 0.54 -9.12
C ALA A 386 22.57 1.81 -8.58
N PHE A 387 22.62 2.88 -9.38
CA PHE A 387 23.40 4.04 -8.98
C PHE A 387 22.75 4.82 -7.84
N GLU A 388 21.43 5.03 -7.90
CA GLU A 388 20.75 5.71 -6.80
C GLU A 388 20.60 4.81 -5.58
N PHE A 389 20.43 3.50 -5.80
CA PHE A 389 20.49 2.56 -4.67
C PHE A 389 21.77 2.77 -3.87
N SER A 390 22.89 2.90 -4.57
CA SER A 390 24.16 3.10 -3.88
C SER A 390 24.27 4.51 -3.31
N SER A 391 24.07 5.53 -4.15
CA SER A 391 24.34 6.90 -3.70
C SER A 391 23.36 7.32 -2.61
N ILE A 392 22.08 6.93 -2.71
CA ILE A 392 21.09 7.31 -1.72
C ILE A 392 21.24 6.49 -0.45
N TYR A 393 21.26 5.15 -0.57
CA TYR A 393 21.20 4.27 0.58
C TYR A 393 22.51 3.55 0.87
N LYS A 394 23.51 3.66 0.02
CA LYS A 394 24.69 2.83 0.14
C LYS A 394 24.33 1.35 0.02
N LEU A 395 23.30 1.04 -0.76
CA LEU A 395 22.97 -0.34 -1.11
C LEU A 395 23.70 -0.73 -2.39
N ASP A 396 24.37 -1.88 -2.36
CA ASP A 396 24.93 -2.47 -3.57
C ASP A 396 23.93 -3.46 -4.16
N THR A 397 23.86 -3.52 -5.48
CA THR A 397 22.95 -4.43 -6.16
C THR A 397 23.69 -5.67 -6.62
N VAL A 398 23.01 -6.82 -6.57
CA VAL A 398 23.59 -8.09 -7.01
C VAL A 398 22.58 -8.81 -7.90
N VAL A 399 22.96 -9.05 -9.15
CA VAL A 399 22.11 -9.79 -10.07
C VAL A 399 22.27 -11.28 -9.76
N VAL A 400 21.16 -11.94 -9.50
CA VAL A 400 21.14 -13.34 -9.06
C VAL A 400 20.73 -14.21 -10.24
N PRO A 401 21.52 -15.21 -10.60
CA PRO A 401 21.11 -16.13 -11.67
C PRO A 401 19.70 -16.65 -11.41
N THR A 402 18.91 -16.77 -12.47
CA THR A 402 17.63 -17.43 -12.37
C THR A 402 17.84 -18.90 -12.07
N ASN A 403 16.85 -19.50 -11.41
CA ASN A 403 16.94 -20.92 -11.11
C ASN A 403 17.06 -21.75 -12.39
N ARG A 404 16.21 -21.45 -13.36
CA ARG A 404 16.33 -22.11 -14.65
C ARG A 404 16.59 -21.08 -15.73
N PRO A 405 16.87 -21.53 -16.95
CA PRO A 405 17.23 -20.58 -18.02
C PRO A 405 15.99 -19.81 -18.47
N MET A 406 16.16 -18.50 -18.63
CA MET A 406 15.07 -17.59 -19.01
C MET A 406 14.94 -17.58 -20.53
N ILE A 407 13.85 -18.17 -21.04
CA ILE A 407 13.68 -18.34 -22.48
C ILE A 407 12.48 -17.56 -23.01
N ARG A 408 11.96 -16.58 -22.26
CA ARG A 408 10.90 -15.75 -22.78
C ARG A 408 11.38 -14.99 -24.01
N LYS A 409 10.50 -14.85 -25.00
CA LYS A 409 10.84 -14.23 -26.27
C LYS A 409 10.25 -12.83 -26.30
N ASP A 410 11.09 -11.83 -26.03
CA ASP A 410 10.65 -10.43 -26.05
C ASP A 410 10.76 -9.94 -27.49
N LEU A 411 9.65 -10.04 -28.21
CA LEU A 411 9.62 -9.73 -29.63
C LEU A 411 9.87 -8.23 -29.87
N PRO A 412 10.17 -7.86 -31.10
CA PRO A 412 10.34 -6.43 -31.41
C PRO A 412 9.04 -5.67 -31.27
N ASP A 413 9.15 -4.39 -30.88
CA ASP A 413 7.99 -3.52 -30.81
C ASP A 413 7.36 -3.35 -32.19
N LEU A 414 6.12 -2.86 -32.20
CA LEU A 414 5.40 -2.62 -33.43
C LEU A 414 4.86 -1.19 -33.42
N VAL A 415 4.98 -0.52 -34.55
CA VAL A 415 4.52 0.84 -34.71
C VAL A 415 3.28 0.86 -35.58
N TYR A 416 2.37 1.76 -35.24
CA TYR A 416 1.16 1.99 -36.02
C TYR A 416 0.94 3.49 -36.10
N MET A 417 0.13 3.90 -37.07
CA MET A 417 -0.09 5.32 -37.25
C MET A 417 -0.98 5.89 -36.14
N THR A 418 -1.96 5.12 -35.68
CA THR A 418 -2.98 5.65 -34.77
C THR A 418 -3.36 4.64 -33.70
N GLU A 419 -3.91 5.16 -32.59
CA GLU A 419 -4.35 4.30 -31.50
C GLU A 419 -5.37 3.27 -31.96
N ALA A 420 -6.32 3.70 -32.81
CA ALA A 420 -7.27 2.75 -33.37
C ALA A 420 -6.56 1.56 -33.99
N GLU A 421 -5.54 1.82 -34.81
CA GLU A 421 -4.87 0.73 -35.51
C GLU A 421 -4.12 -0.17 -34.55
N LYS A 422 -3.39 0.42 -33.61
CA LYS A 422 -2.76 -0.39 -32.57
C LYS A 422 -3.78 -1.28 -31.87
N ILE A 423 -4.92 -0.70 -31.50
CA ILE A 423 -5.88 -1.50 -30.73
C ILE A 423 -6.50 -2.57 -31.58
N GLN A 424 -6.67 -2.33 -32.89
CA GLN A 424 -7.14 -3.42 -33.75
C GLN A 424 -6.06 -4.49 -33.95
N ALA A 425 -4.79 -4.11 -33.93
CA ALA A 425 -3.73 -5.10 -34.12
C ALA A 425 -3.53 -5.97 -32.89
N ILE A 426 -3.64 -5.37 -31.70
CA ILE A 426 -3.61 -6.16 -30.48
C ILE A 426 -4.78 -7.16 -30.47
N ILE A 427 -5.98 -6.67 -30.76
CA ILE A 427 -7.15 -7.55 -30.78
C ILE A 427 -6.97 -8.66 -31.80
N GLU A 428 -6.46 -8.35 -32.98
CA GLU A 428 -6.23 -9.41 -33.96
C GLU A 428 -5.24 -10.43 -33.41
N ASP A 429 -4.21 -9.95 -32.71
CA ASP A 429 -3.21 -10.84 -32.14
C ASP A 429 -3.79 -11.63 -30.95
N ILE A 430 -4.64 -11.01 -30.14
CA ILE A 430 -5.29 -11.77 -29.08
C ILE A 430 -6.08 -12.94 -29.66
N LYS A 431 -7.00 -12.63 -30.58
CA LYS A 431 -7.83 -13.67 -31.19
C LYS A 431 -6.97 -14.78 -31.79
N GLU A 432 -5.91 -14.42 -32.51
CA GLU A 432 -5.04 -15.42 -33.08
C GLU A 432 -4.47 -16.35 -32.01
N ARG A 433 -3.83 -15.79 -30.98
CA ARG A 433 -3.18 -16.64 -29.98
C ARG A 433 -4.19 -17.39 -29.12
N THR A 434 -5.38 -16.83 -28.91
CA THR A 434 -6.44 -17.59 -28.24
C THR A 434 -6.76 -18.86 -29.01
N ALA A 435 -7.14 -18.71 -30.28
CA ALA A 435 -7.41 -19.80 -31.22
C ALA A 435 -6.49 -21.00 -31.02
N LYS A 436 -5.23 -20.74 -30.70
CA LYS A 436 -4.27 -21.83 -30.50
C LYS A 436 -4.23 -22.32 -29.06
N GLY A 437 -4.98 -21.68 -28.16
CA GLY A 437 -4.99 -22.05 -26.77
C GLY A 437 -4.08 -21.21 -25.89
N GLN A 438 -3.25 -20.39 -26.48
CA GLN A 438 -2.31 -19.59 -25.69
C GLN A 438 -3.04 -18.51 -24.92
N PRO A 439 -2.73 -18.32 -23.63
CA PRO A 439 -3.32 -17.22 -22.87
C PRO A 439 -2.51 -15.94 -23.05
N VAL A 440 -3.16 -14.80 -22.80
CA VAL A 440 -2.54 -13.51 -23.05
C VAL A 440 -2.87 -12.53 -21.93
N LEU A 441 -1.84 -11.87 -21.43
CA LEU A 441 -1.97 -10.80 -20.44
C LEU A 441 -1.68 -9.46 -21.11
N VAL A 442 -2.60 -8.51 -20.95
CA VAL A 442 -2.53 -7.22 -21.61
C VAL A 442 -2.29 -6.16 -20.53
N GLY A 443 -1.05 -5.68 -20.44
CA GLY A 443 -0.73 -4.61 -19.52
C GLY A 443 -0.98 -3.25 -20.16
N THR A 444 -1.60 -2.37 -19.38
CA THR A 444 -1.75 -0.96 -19.70
C THR A 444 -1.00 -0.15 -18.65
N ILE A 445 -1.02 1.17 -18.81
CA ILE A 445 -0.44 2.05 -17.81
C ILE A 445 -1.47 3.00 -17.20
N SER A 446 -2.75 2.81 -17.50
CA SER A 446 -3.80 3.65 -16.94
C SER A 446 -5.14 2.93 -17.00
N ILE A 447 -5.99 3.22 -16.01
CA ILE A 447 -7.37 2.73 -16.04
C ILE A 447 -8.05 3.15 -17.33
N GLU A 448 -7.84 4.40 -17.75
CA GLU A 448 -8.45 4.88 -18.98
C GLU A 448 -8.12 3.97 -20.15
N LYS A 449 -6.85 3.61 -20.31
CA LYS A 449 -6.48 2.71 -21.40
C LYS A 449 -6.98 1.30 -21.16
N SER A 450 -7.12 0.89 -19.90
CA SER A 450 -7.73 -0.41 -19.63
C SER A 450 -9.18 -0.46 -20.11
N GLU A 451 -9.95 0.59 -19.84
CA GLU A 451 -11.37 0.58 -20.22
C GLU A 451 -11.53 0.61 -21.73
N LEU A 452 -10.74 1.45 -22.41
CA LEU A 452 -10.80 1.49 -23.86
C LEU A 452 -10.54 0.11 -24.46
N VAL A 453 -9.43 -0.52 -24.04
CA VAL A 453 -9.09 -1.84 -24.57
C VAL A 453 -10.18 -2.85 -24.22
N SER A 454 -10.63 -2.82 -22.97
CA SER A 454 -11.70 -3.73 -22.56
C SER A 454 -12.91 -3.62 -23.46
N ASN A 455 -13.32 -2.39 -23.77
CA ASN A 455 -14.54 -2.22 -24.57
C ASN A 455 -14.35 -2.64 -26.02
N GLU A 456 -13.12 -2.54 -26.54
CA GLU A 456 -12.85 -3.11 -27.85
C GLU A 456 -12.86 -4.63 -27.82
N LEU A 457 -12.31 -5.23 -26.74
CA LEU A 457 -12.42 -6.67 -26.59
C LEU A 457 -13.87 -7.12 -26.49
N THR A 458 -14.72 -6.30 -25.87
CA THR A 458 -16.13 -6.65 -25.76
C THR A 458 -16.82 -6.62 -27.14
N LYS A 459 -16.69 -5.51 -27.86
CA LYS A 459 -17.21 -5.47 -29.22
C LYS A 459 -16.80 -6.72 -30.00
N ALA A 460 -15.50 -7.02 -29.97
CA ALA A 460 -14.97 -8.19 -30.67
C ALA A 460 -15.47 -9.51 -30.09
N GLY A 461 -16.34 -9.49 -29.09
CA GLY A 461 -16.89 -10.72 -28.53
C GLY A 461 -15.97 -11.51 -27.66
N ILE A 462 -14.88 -10.90 -27.18
CA ILE A 462 -13.79 -11.61 -26.53
C ILE A 462 -13.98 -11.53 -25.02
N LYS A 463 -14.28 -12.66 -24.38
CA LYS A 463 -14.36 -12.69 -22.92
C LYS A 463 -12.99 -12.45 -22.32
N HIS A 464 -12.96 -11.64 -21.27
CA HIS A 464 -11.71 -11.22 -20.65
C HIS A 464 -11.98 -10.73 -19.25
N ASN A 465 -10.92 -10.55 -18.49
CA ASN A 465 -11.00 -10.02 -17.13
C ASN A 465 -10.17 -8.74 -17.04
N VAL A 466 -10.63 -7.83 -16.18
CA VAL A 466 -10.02 -6.52 -16.03
C VAL A 466 -9.63 -6.34 -14.57
N LEU A 467 -8.32 -6.20 -14.33
CA LEU A 467 -7.77 -5.99 -13.00
C LEU A 467 -7.31 -4.55 -12.91
N ASN A 468 -7.96 -3.78 -12.06
CA ASN A 468 -7.69 -2.35 -11.93
C ASN A 468 -6.92 -1.99 -10.66
N ALA A 469 -6.49 -3.00 -9.90
CA ALA A 469 -5.74 -2.80 -8.67
C ALA A 469 -6.55 -1.98 -7.68
N LYS A 470 -7.77 -2.44 -7.42
CA LYS A 470 -8.62 -1.90 -6.37
C LYS A 470 -9.08 -2.95 -5.38
N PHE A 471 -9.03 -4.24 -5.74
CA PHE A 471 -9.36 -5.34 -4.85
C PHE A 471 -8.24 -6.37 -4.99
N HIS A 472 -7.11 -6.07 -4.34
CA HIS A 472 -5.90 -6.86 -4.55
C HIS A 472 -6.15 -8.35 -4.34
N ALA A 473 -6.87 -8.70 -3.26
CA ALA A 473 -7.11 -10.10 -2.97
C ALA A 473 -7.96 -10.75 -4.06
N ASN A 474 -9.07 -10.12 -4.44
CA ASN A 474 -9.89 -10.66 -5.52
C ASN A 474 -9.09 -10.76 -6.81
N GLU A 475 -8.52 -9.63 -7.25
CA GLU A 475 -7.72 -9.63 -8.46
C GLU A 475 -6.60 -10.65 -8.40
N ALA A 476 -6.03 -10.89 -7.22
CA ALA A 476 -5.03 -11.93 -7.10
C ALA A 476 -5.61 -13.29 -7.47
N ALA A 477 -6.88 -13.53 -7.14
CA ALA A 477 -7.51 -14.80 -7.45
C ALA A 477 -7.75 -14.94 -8.96
N ILE A 478 -8.08 -13.85 -9.64
CA ILE A 478 -8.21 -13.87 -11.09
C ILE A 478 -6.84 -14.10 -11.73
N VAL A 479 -5.84 -13.34 -11.30
CA VAL A 479 -4.51 -13.43 -11.91
C VAL A 479 -3.99 -14.86 -11.88
N ALA A 480 -4.23 -15.58 -10.79
CA ALA A 480 -3.67 -16.92 -10.64
C ALA A 480 -4.19 -17.88 -11.69
N GLN A 481 -5.30 -17.57 -12.35
CA GLN A 481 -5.83 -18.38 -13.43
C GLN A 481 -5.49 -17.82 -14.80
N ALA A 482 -4.77 -16.70 -14.87
CA ALA A 482 -4.57 -16.00 -16.14
C ALA A 482 -3.71 -16.77 -17.13
N GLY A 483 -3.06 -17.84 -16.70
CA GLY A 483 -2.35 -18.76 -17.57
C GLY A 483 -3.16 -19.98 -17.94
N TYR A 484 -4.44 -20.00 -17.59
CA TYR A 484 -5.34 -20.99 -18.15
C TYR A 484 -5.36 -20.89 -19.67
N PRO A 485 -5.45 -22.01 -20.39
CA PRO A 485 -5.49 -21.94 -21.86
C PRO A 485 -6.48 -20.91 -22.35
N ALA A 486 -6.01 -20.02 -23.21
CA ALA A 486 -6.84 -19.02 -23.89
C ALA A 486 -7.41 -17.98 -22.95
N ALA A 487 -6.96 -17.92 -21.69
CA ALA A 487 -7.33 -16.83 -20.82
C ALA A 487 -6.91 -15.49 -21.41
N VAL A 488 -7.67 -14.45 -21.09
CA VAL A 488 -7.38 -13.10 -21.57
C VAL A 488 -7.59 -12.14 -20.39
N THR A 489 -6.50 -11.54 -19.90
CA THR A 489 -6.56 -10.66 -18.74
C THR A 489 -5.96 -9.30 -19.07
N ILE A 490 -6.68 -8.25 -18.69
CA ILE A 490 -6.20 -6.88 -18.76
C ILE A 490 -5.76 -6.48 -17.37
N ALA A 491 -4.58 -5.85 -17.26
CA ALA A 491 -4.13 -5.35 -15.97
C ALA A 491 -3.34 -4.06 -16.17
N THR A 492 -3.67 -3.04 -15.39
CA THR A 492 -2.78 -1.90 -15.27
C THR A 492 -1.51 -2.31 -14.55
N ASN A 493 -0.42 -1.59 -14.83
CA ASN A 493 0.90 -1.96 -14.31
C ASN A 493 0.88 -2.33 -12.83
N MET A 494 -0.13 -1.87 -12.08
CA MET A 494 -0.15 -2.01 -10.64
C MET A 494 -1.01 -3.18 -10.15
N ALA A 495 -1.60 -3.95 -11.06
CA ALA A 495 -2.70 -4.85 -10.72
C ALA A 495 -2.23 -6.29 -10.78
N GLY A 496 -2.44 -7.02 -9.68
CA GLY A 496 -2.09 -8.41 -9.64
C GLY A 496 -0.61 -8.70 -9.55
N ARG A 497 0.22 -7.69 -9.31
CA ARG A 497 1.64 -7.98 -9.16
C ARG A 497 1.86 -8.82 -7.91
N GLY A 498 2.88 -9.67 -7.97
CA GLY A 498 3.23 -10.54 -6.87
C GLY A 498 2.50 -11.86 -6.82
N THR A 499 1.56 -12.11 -7.73
CA THR A 499 0.81 -13.35 -7.76
C THR A 499 1.30 -14.17 -8.95
N ASP A 500 1.92 -15.32 -8.67
CA ASP A 500 2.43 -16.18 -9.71
C ASP A 500 1.32 -16.55 -10.69
N ILE A 501 1.64 -16.50 -11.99
CA ILE A 501 0.74 -16.91 -13.06
C ILE A 501 1.24 -18.26 -13.55
N VAL A 502 0.61 -19.34 -13.14
CA VAL A 502 1.03 -20.67 -13.54
C VAL A 502 0.38 -21.05 -14.86
N LEU A 503 1.18 -21.59 -15.77
CA LEU A 503 0.65 -22.03 -17.05
C LEU A 503 -0.30 -23.20 -16.86
N GLY A 504 -1.46 -23.13 -17.51
CA GLY A 504 -2.52 -24.09 -17.31
C GLY A 504 -3.46 -23.76 -16.16
N GLY A 505 -3.22 -22.67 -15.44
CA GLY A 505 -3.97 -22.35 -14.25
C GLY A 505 -3.30 -22.84 -12.98
N SER A 506 -3.78 -22.35 -11.84
CA SER A 506 -3.33 -22.87 -10.56
C SER A 506 -4.30 -23.96 -10.13
N TRP A 507 -3.81 -25.20 -10.06
CA TRP A 507 -4.64 -26.29 -9.56
C TRP A 507 -4.82 -26.21 -8.06
N GLN A 508 -3.89 -25.55 -7.35
CA GLN A 508 -4.12 -25.23 -5.95
C GLN A 508 -5.51 -24.65 -5.76
N ALA A 509 -5.83 -23.60 -6.52
CA ALA A 509 -7.13 -22.98 -6.42
C ALA A 509 -8.25 -23.99 -6.62
N GLU A 510 -8.11 -24.88 -7.62
CA GLU A 510 -9.16 -25.84 -7.89
C GLU A 510 -9.47 -26.70 -6.67
N VAL A 511 -8.42 -27.15 -5.98
CA VAL A 511 -8.61 -28.09 -4.87
C VAL A 511 -9.38 -27.43 -3.74
N ALA A 512 -8.97 -26.22 -3.33
CA ALA A 512 -9.69 -25.53 -2.27
C ALA A 512 -11.18 -25.37 -2.62
N ALA A 513 -11.50 -25.21 -3.90
CA ALA A 513 -12.90 -25.07 -4.31
C ALA A 513 -13.71 -26.28 -3.87
N LEU A 514 -13.19 -27.49 -4.07
CA LEU A 514 -13.86 -28.70 -3.62
C LEU A 514 -13.85 -28.80 -2.10
N GLU A 515 -14.85 -29.50 -1.55
CA GLU A 515 -15.00 -29.67 -0.11
C GLU A 515 -14.60 -31.09 0.28
N ASN A 516 -13.55 -31.19 1.08
CA ASN A 516 -13.00 -32.46 1.52
C ASN A 516 -12.85 -33.40 0.32
N PRO A 517 -11.96 -33.09 -0.61
CA PRO A 517 -11.78 -33.99 -1.74
C PRO A 517 -11.10 -35.25 -1.29
N THR A 518 -10.91 -36.17 -2.23
CA THR A 518 -10.24 -37.44 -2.00
C THR A 518 -9.09 -37.62 -2.98
N ALA A 519 -8.29 -38.65 -2.70
CA ALA A 519 -7.02 -38.81 -3.40
C ALA A 519 -7.19 -38.78 -4.90
N GLU A 520 -8.20 -39.47 -5.43
CA GLU A 520 -8.33 -39.62 -6.87
C GLU A 520 -9.14 -38.52 -7.52
N GLN A 521 -9.98 -37.82 -6.76
CA GLN A 521 -10.51 -36.52 -7.20
C GLN A 521 -9.36 -35.53 -7.47
N ILE A 522 -8.53 -35.29 -6.44
CA ILE A 522 -7.36 -34.43 -6.58
C ILE A 522 -6.41 -34.94 -7.67
N GLU A 523 -6.10 -36.25 -7.64
CA GLU A 523 -5.31 -36.80 -8.74
C GLU A 523 -5.93 -36.51 -10.09
N LYS A 524 -7.26 -36.36 -10.13
CA LYS A 524 -7.95 -35.93 -11.35
C LYS A 524 -7.55 -34.50 -11.73
N ILE A 525 -7.74 -33.55 -10.81
CA ILE A 525 -7.27 -32.19 -11.04
C ILE A 525 -5.82 -32.20 -11.51
N LYS A 526 -4.94 -32.83 -10.74
CA LYS A 526 -3.51 -32.81 -11.04
C LYS A 526 -3.23 -33.39 -12.42
N ALA A 527 -3.84 -34.53 -12.75
CA ALA A 527 -3.60 -35.14 -14.06
C ALA A 527 -4.17 -34.29 -15.19
N ASP A 528 -5.32 -33.64 -14.97
CA ASP A 528 -5.87 -32.75 -15.98
C ASP A 528 -5.00 -31.50 -16.15
N TRP A 529 -4.54 -30.92 -15.03
CA TRP A 529 -3.75 -29.70 -15.10
C TRP A 529 -2.47 -29.91 -15.89
N GLN A 530 -1.82 -31.07 -15.69
CA GLN A 530 -0.58 -31.35 -16.39
C GLN A 530 -0.77 -31.28 -17.90
N VAL A 531 -1.89 -31.81 -18.41
CA VAL A 531 -2.15 -31.75 -19.84
C VAL A 531 -2.35 -30.30 -20.27
N ARG A 532 -3.16 -29.54 -19.52
CA ARG A 532 -3.27 -28.11 -19.76
C ARG A 532 -1.89 -27.45 -19.80
N HIS A 533 -1.08 -27.70 -18.78
CA HIS A 533 0.22 -27.05 -18.68
C HIS A 533 1.12 -27.44 -19.85
N ASP A 534 1.10 -28.72 -20.24
CA ASP A 534 1.93 -29.14 -21.37
C ASP A 534 1.45 -28.49 -22.65
N ALA A 535 0.14 -28.37 -22.84
CA ALA A 535 -0.39 -27.72 -24.04
C ALA A 535 -0.02 -26.24 -24.06
N VAL A 536 -0.36 -25.51 -22.99
CA VAL A 536 -0.03 -24.08 -22.95
C VAL A 536 1.47 -23.88 -23.16
N LEU A 537 2.29 -24.66 -22.45
CA LEU A 537 3.72 -24.58 -22.68
C LEU A 537 4.05 -24.85 -24.15
N GLU A 538 3.36 -25.83 -24.74
CA GLU A 538 3.58 -26.14 -26.15
C GLU A 538 3.21 -24.97 -27.06
N ALA A 539 2.14 -24.24 -26.68
CA ALA A 539 1.62 -23.13 -27.48
C ALA A 539 2.41 -21.84 -27.31
N GLY A 540 3.57 -21.89 -26.66
CA GLY A 540 4.37 -20.70 -26.42
C GLY A 540 4.20 -20.08 -25.05
N GLY A 541 3.38 -20.67 -24.18
CA GLY A 541 3.24 -20.17 -22.82
C GLY A 541 2.38 -18.91 -22.76
N LEU A 542 2.66 -18.09 -21.75
CA LEU A 542 1.97 -16.83 -21.59
C LEU A 542 2.56 -15.78 -22.53
N HIS A 543 1.69 -14.99 -23.16
CA HIS A 543 2.12 -13.95 -24.07
C HIS A 543 1.70 -12.60 -23.53
N ILE A 544 2.66 -11.72 -23.34
CA ILE A 544 2.43 -10.38 -22.81
C ILE A 544 2.21 -9.40 -23.97
N ILE A 545 1.19 -8.57 -23.84
CA ILE A 545 0.96 -7.45 -24.75
C ILE A 545 1.06 -6.18 -23.95
N GLY A 546 2.05 -5.34 -24.26
CA GLY A 546 2.09 -4.00 -23.73
C GLY A 546 1.37 -3.04 -24.67
N THR A 547 0.27 -2.45 -24.22
CA THR A 547 -0.49 -1.55 -25.08
C THR A 547 0.26 -0.24 -25.34
N GLU A 548 1.22 0.10 -24.49
CA GLU A 548 2.10 1.23 -24.72
C GLU A 548 3.30 1.07 -23.80
N ARG A 549 4.35 1.86 -24.06
CA ARG A 549 5.54 1.81 -23.22
C ARG A 549 5.49 2.92 -22.19
N HIS A 550 5.80 2.57 -20.95
CA HIS A 550 5.90 3.52 -19.86
C HIS A 550 7.07 4.46 -20.11
N GLU A 551 6.97 5.66 -19.53
CA GLU A 551 8.10 6.58 -19.60
C GLU A 551 9.37 5.93 -19.05
N SER A 552 9.24 5.09 -18.03
CA SER A 552 10.38 4.39 -17.44
C SER A 552 10.41 2.96 -17.94
N ARG A 553 11.49 2.58 -18.61
CA ARG A 553 11.51 1.26 -19.22
C ARG A 553 11.37 0.16 -18.17
N ARG A 554 11.80 0.43 -16.93
CA ARG A 554 11.75 -0.58 -15.89
C ARG A 554 10.33 -1.09 -15.68
N ILE A 555 9.36 -0.18 -15.78
CA ILE A 555 7.95 -0.55 -15.60
C ILE A 555 7.51 -1.54 -16.68
N ASP A 556 7.91 -1.31 -17.93
CA ASP A 556 7.63 -2.28 -18.99
C ASP A 556 8.31 -3.61 -18.70
N ASN A 557 9.53 -3.54 -18.15
CA ASN A 557 10.26 -4.75 -17.80
C ASN A 557 9.53 -5.54 -16.72
N GLN A 558 8.88 -4.85 -15.77
CA GLN A 558 8.11 -5.57 -14.78
C GLN A 558 6.94 -6.31 -15.44
N LEU A 559 6.33 -5.69 -16.44
CA LEU A 559 5.19 -6.29 -17.13
C LEU A 559 5.60 -7.57 -17.83
N ARG A 560 6.63 -7.51 -18.69
CA ARG A 560 7.00 -8.70 -19.44
C ARG A 560 7.49 -9.80 -18.50
N GLY A 561 8.13 -9.44 -17.40
CA GLY A 561 8.57 -10.40 -16.42
C GLY A 561 7.47 -11.32 -15.92
N ARG A 562 6.21 -10.92 -16.06
CA ARG A 562 5.11 -11.77 -15.64
C ARG A 562 5.06 -13.07 -16.43
N SER A 563 5.69 -13.08 -17.60
CA SER A 563 5.81 -14.28 -18.43
C SER A 563 7.25 -14.79 -18.38
N GLY A 564 7.39 -16.11 -18.48
CA GLY A 564 8.70 -16.72 -18.54
C GLY A 564 9.27 -17.19 -17.23
N ARG A 565 8.42 -17.40 -16.22
CA ARG A 565 8.90 -17.79 -14.89
C ARG A 565 9.47 -19.20 -14.89
N GLN A 566 10.48 -19.40 -14.05
CA GLN A 566 11.05 -20.73 -13.82
C GLN A 566 11.25 -21.50 -15.12
N GLY A 567 11.78 -20.84 -16.16
CA GLY A 567 12.17 -21.49 -17.38
C GLY A 567 11.05 -21.72 -18.38
N ASP A 568 9.81 -21.41 -18.05
CA ASP A 568 8.70 -21.60 -18.98
C ASP A 568 8.92 -20.83 -20.27
N ALA A 569 8.40 -21.38 -21.36
CA ALA A 569 8.27 -20.64 -22.59
C ALA A 569 7.32 -19.47 -22.40
N GLY A 570 7.51 -18.45 -23.22
CA GLY A 570 6.67 -17.27 -23.19
C GLY A 570 7.21 -16.24 -24.16
N SER A 571 6.39 -15.21 -24.37
CA SER A 571 6.74 -14.13 -25.28
C SER A 571 6.12 -12.85 -24.80
N SER A 572 6.65 -11.73 -25.27
CA SER A 572 6.07 -10.43 -24.98
C SER A 572 6.19 -9.56 -26.22
N ARG A 573 5.39 -8.50 -26.24
CA ARG A 573 5.39 -7.59 -27.37
C ARG A 573 4.74 -6.27 -26.98
N PHE A 574 5.42 -5.17 -27.29
CA PHE A 574 4.90 -3.85 -27.01
C PHE A 574 4.47 -3.16 -28.30
N TYR A 575 3.35 -2.46 -28.25
CA TYR A 575 2.79 -1.74 -29.38
C TYR A 575 2.95 -0.24 -29.17
N LEU A 576 3.28 0.46 -30.24
CA LEU A 576 3.51 1.90 -30.23
C LEU A 576 2.69 2.57 -31.33
N SER A 577 2.47 3.87 -31.19
CA SER A 577 1.84 4.65 -32.24
C SER A 577 2.04 6.14 -31.93
N MET A 578 1.47 6.98 -32.77
CA MET A 578 1.44 8.43 -32.58
C MET A 578 0.15 8.83 -31.89
PB ADP B . 8.48 -13.70 -6.75
O1B ADP B . 7.91 -12.92 -5.60
O2B ADP B . 7.99 -13.20 -8.08
O3B ADP B . 9.97 -13.94 -6.70
PA ADP B . 6.97 -15.76 -5.47
O1A ADP B . 5.59 -15.21 -5.75
O2A ADP B . 7.58 -15.49 -4.11
O3A ADP B . 7.95 -15.22 -6.63
O5' ADP B . 6.97 -17.35 -5.74
C5' ADP B . 6.22 -17.87 -6.84
C4' ADP B . 5.79 -19.31 -6.55
O4' ADP B . 6.97 -20.09 -6.41
C3' ADP B . 4.99 -19.49 -5.28
O3' ADP B . 3.79 -20.20 -5.58
C2' ADP B . 5.86 -20.32 -4.36
O2' ADP B . 5.09 -21.24 -3.57
C1' ADP B . 6.80 -21.00 -5.34
N9 ADP B . 8.14 -21.33 -4.80
C8 ADP B . 9.03 -20.45 -4.31
N7 ADP B . 10.15 -21.11 -3.93
C5 ADP B . 9.99 -22.40 -4.20
C6 ADP B . 10.79 -23.62 -4.05
N6 ADP B . 12.02 -23.54 -3.52
N1 ADP B . 10.24 -24.79 -4.45
C2 ADP B . 9.02 -24.86 -4.98
N3 ADP B . 8.24 -23.79 -5.14
C4 ADP B . 8.65 -22.55 -4.77
H5'1 ADP B . 6.82 -17.84 -7.75
H5'2 ADP B . 5.33 -17.25 -7.00
H4' ADP B . 5.20 -19.67 -7.40
H3' ADP B . 4.77 -18.51 -4.82
HO3' ADP B . 3.28 -20.32 -4.77
H2' ADP B . 6.45 -19.65 -3.70
HO2' ADP B . 4.47 -20.75 -3.01
H1' ADP B . 6.31 -21.92 -5.71
H8 ADP B . 8.87 -19.39 -4.21
HN61 ADP B . 12.58 -24.38 -3.41
HN62 ADP B . 12.39 -22.64 -3.23
H2 ADP B . 8.64 -25.83 -5.29
MG MG C . 6.75 -11.20 -4.78
#